data_2KX8
#
_entry.id   2KX8
#
_cell.length_a   1.000
_cell.length_b   1.000
_cell.length_c   1.000
_cell.angle_alpha   90.00
_cell.angle_beta   90.00
_cell.angle_gamma   90.00
#
_symmetry.space_group_name_H-M   'P 1'
#
loop_
_entity.id
_entity.type
_entity.pdbx_description
1 polymer 7SK
2 non-polymer ARGININE
#
_entity_poly.entity_id   1
_entity_poly.type   'polyribonucleotide'
_entity_poly.pdbx_seq_one_letter_code
;GGGAAAUGAGGCGCUGCAUGUGGCAGUCUGCCUUUCUUUCCC
;
_entity_poly.pdbx_strand_id   A
#